data_8WGU
#
_entry.id   8WGU
#
_cell.length_a   43.234
_cell.length_b   85.530
_cell.length_c   63.740
_cell.angle_alpha   90.00
_cell.angle_beta   90.00
_cell.angle_gamma   90.00
#
_symmetry.space_group_name_H-M   'P 21 21 2'
#
loop_
_entity.id
_entity.type
_entity.pdbx_description
1 polymer Transthyretin
2 non-polymer [3,5-bis(iodanyl)-4-oxidanyl-phenyl]-[2-ethyl-4,7-bis(fluoranyl)-1-benzofuran-3-yl]methanone
3 water water
#
_entity_poly.entity_id   1
_entity_poly.type   'polypeptide(L)'
_entity_poly.pdbx_seq_one_letter_code
;MRGSHHHHHHGSMASHRLLLLCLAGLVFVSEAGPTGTGESKCPLMVKVLDAVRGSPAINVAMHVFRKAADDTWEPFASGK
TSESGELHGLTTEEEFVEGIYKVEIDTKSYWKALGISPFHEHAEVVFTANDSGPRRYTIAALLSPYSYSTTAVVTNPKE
;
_entity_poly.pdbx_strand_id   A,B
#
# COMPACT_ATOMS: atom_id res chain seq x y z
N CYS A 42 -10.00 -19.17 11.38
CA CYS A 42 -9.29 -18.47 10.31
C CYS A 42 -8.87 -17.08 10.79
N PRO A 43 -7.62 -16.95 11.25
CA PRO A 43 -7.18 -15.69 11.84
C PRO A 43 -6.76 -14.62 10.83
N LEU A 44 -6.54 -14.99 9.58
CA LEU A 44 -6.09 -14.05 8.54
C LEU A 44 -6.75 -14.43 7.23
N MET A 45 -7.59 -13.54 6.71
CA MET A 45 -8.28 -13.74 5.44
C MET A 45 -8.08 -12.49 4.62
N VAL A 46 -7.99 -12.65 3.29
CA VAL A 46 -7.84 -11.51 2.39
C VAL A 46 -8.96 -11.56 1.35
N LYS A 47 -9.59 -10.41 1.10
CA LYS A 47 -10.66 -10.30 0.12
C LYS A 47 -10.31 -9.20 -0.87
N VAL A 48 -10.46 -9.47 -2.15
CA VAL A 48 -10.08 -8.53 -3.21
C VAL A 48 -11.26 -8.36 -4.17
N LEU A 49 -11.60 -7.11 -4.46
CA LEU A 49 -12.70 -6.78 -5.37
C LEU A 49 -12.18 -5.91 -6.51
N ASP A 50 -12.88 -6.00 -7.65
CA ASP A 50 -12.56 -5.28 -8.87
C ASP A 50 -13.59 -4.17 -9.05
N ALA A 51 -13.14 -2.91 -8.99
CA ALA A 51 -14.00 -1.74 -9.11
C ALA A 51 -14.34 -1.36 -10.56
N VAL A 52 -13.72 -1.99 -11.56
CA VAL A 52 -14.05 -1.75 -12.96
C VAL A 52 -15.22 -2.62 -13.38
N ARG A 53 -15.18 -3.90 -13.01
CA ARG A 53 -16.17 -4.89 -13.40
C ARG A 53 -17.25 -5.11 -12.35
N GLY A 54 -17.07 -4.63 -11.13
CA GLY A 54 -18.05 -4.88 -10.08
C GLY A 54 -18.16 -6.34 -9.71
N SER A 55 -17.01 -6.95 -9.43
CA SER A 55 -16.95 -8.39 -9.25
C SER A 55 -15.85 -8.69 -8.25
N PRO A 56 -15.83 -9.90 -7.68
CA PRO A 56 -14.61 -10.35 -7.02
C PRO A 56 -13.44 -10.29 -7.99
N ALA A 57 -12.25 -10.08 -7.44
CA ALA A 57 -11.02 -10.20 -8.21
C ALA A 57 -10.49 -11.62 -8.01
N ILE A 58 -10.62 -12.44 -9.05
CA ILE A 58 -10.35 -13.87 -8.96
C ILE A 58 -8.92 -14.14 -9.39
N ASN A 59 -8.28 -15.13 -8.74
CA ASN A 59 -6.94 -15.59 -9.11
CA ASN A 59 -6.94 -15.59 -9.12
C ASN A 59 -5.87 -14.52 -8.90
N VAL A 60 -6.06 -13.68 -7.88
CA VAL A 60 -5.07 -12.68 -7.52
C VAL A 60 -4.07 -13.32 -6.56
N ALA A 61 -2.80 -13.33 -6.96
CA ALA A 61 -1.75 -13.91 -6.12
C ALA A 61 -1.36 -12.92 -5.03
N MET A 62 -0.99 -13.47 -3.86
CA MET A 62 -0.40 -12.61 -2.84
C MET A 62 0.57 -13.40 -1.99
N HIS A 63 1.56 -12.69 -1.45
CA HIS A 63 2.53 -13.24 -0.52
C HIS A 63 2.47 -12.48 0.79
N VAL A 64 2.52 -13.21 1.90
CA VAL A 64 2.55 -12.63 3.24
C VAL A 64 3.94 -12.85 3.81
N PHE A 65 4.49 -11.80 4.42
CA PHE A 65 5.80 -11.82 5.05
C PHE A 65 5.66 -11.40 6.51
N ARG A 66 6.63 -11.82 7.32
CA ARG A 66 6.68 -11.45 8.72
C ARG A 66 8.06 -10.90 9.03
N LYS A 67 8.11 -9.79 9.77
CA LYS A 67 9.40 -9.18 10.08
C LYS A 67 10.14 -10.03 11.11
N ALA A 68 11.36 -10.44 10.77
CA ALA A 68 12.18 -11.22 11.68
C ALA A 68 12.92 -10.29 12.65
N ALA A 69 13.59 -10.92 13.62
CA ALA A 69 14.27 -10.15 14.66
C ALA A 69 15.41 -9.31 14.10
N ASP A 70 15.98 -9.70 12.97
CA ASP A 70 17.02 -8.92 12.30
C ASP A 70 16.45 -7.90 11.32
N ASP A 71 15.15 -7.66 11.34
CA ASP A 71 14.45 -6.65 10.55
C ASP A 71 14.30 -7.00 9.08
N THR A 72 14.61 -8.23 8.69
CA THR A 72 14.32 -8.67 7.32
C THR A 72 12.91 -9.22 7.24
N TRP A 73 12.36 -9.22 6.03
CA TRP A 73 11.05 -9.80 5.78
C TRP A 73 11.19 -11.27 5.50
N GLU A 74 10.62 -12.11 6.36
CA GLU A 74 10.69 -13.53 6.08
C GLU A 74 9.39 -14.03 5.45
N PRO A 75 9.43 -14.94 4.49
CA PRO A 75 8.20 -15.50 3.94
C PRO A 75 7.36 -16.18 5.02
N PHE A 76 6.05 -15.92 4.98
CA PHE A 76 5.13 -16.45 5.98
C PHE A 76 4.04 -17.33 5.38
N ALA A 77 3.40 -16.89 4.30
CA ALA A 77 2.34 -17.67 3.67
C ALA A 77 2.07 -17.03 2.32
N SER A 78 1.43 -17.79 1.43
CA SER A 78 1.03 -17.25 0.13
C SER A 78 -0.18 -18.01 -0.41
N GLY A 79 -0.82 -17.43 -1.40
CA GLY A 79 -1.96 -18.07 -2.04
C GLY A 79 -2.56 -17.16 -3.09
N LYS A 80 -3.68 -17.61 -3.67
CA LYS A 80 -4.41 -16.77 -4.61
C LYS A 80 -5.90 -16.76 -4.28
N THR A 81 -6.55 -15.67 -4.67
CA THR A 81 -7.98 -15.56 -4.37
C THR A 81 -8.81 -16.55 -5.19
N SER A 82 -9.90 -16.99 -4.58
CA SER A 82 -10.84 -17.92 -5.19
C SER A 82 -11.84 -17.17 -6.06
N GLU A 83 -12.85 -17.92 -6.54
CA GLU A 83 -13.90 -17.30 -7.36
C GLU A 83 -14.70 -16.26 -6.59
N SER A 84 -14.69 -16.30 -5.25
CA SER A 84 -15.36 -15.31 -4.44
C SER A 84 -14.46 -14.10 -4.12
N GLY A 85 -13.23 -14.09 -4.65
CA GLY A 85 -12.29 -13.03 -4.34
C GLY A 85 -11.63 -13.15 -2.98
N GLU A 86 -11.80 -14.28 -2.30
CA GLU A 86 -11.30 -14.49 -0.95
C GLU A 86 -10.17 -15.50 -0.92
N LEU A 87 -9.23 -15.28 -0.02
CA LEU A 87 -8.16 -16.24 0.24
C LEU A 87 -8.22 -16.58 1.72
N HIS A 88 -8.54 -17.85 2.00
CA HIS A 88 -8.64 -18.40 3.34
C HIS A 88 -7.51 -19.39 3.58
N GLY A 89 -7.34 -19.76 4.86
CA GLY A 89 -6.41 -20.83 5.19
C GLY A 89 -4.94 -20.47 5.15
N LEU A 90 -4.61 -19.17 5.20
CA LEU A 90 -3.20 -18.77 5.12
C LEU A 90 -2.41 -19.24 6.33
N THR A 91 -3.02 -19.25 7.51
CA THR A 91 -2.28 -19.54 8.75
C THR A 91 -3.21 -20.14 9.79
N THR A 92 -2.67 -20.37 10.98
CA THR A 92 -3.42 -20.92 12.11
C THR A 92 -3.23 -20.00 13.30
N GLU A 93 -4.10 -20.16 14.29
CA GLU A 93 -3.99 -19.35 15.51
C GLU A 93 -2.61 -19.52 16.15
N GLU A 94 -2.08 -20.75 16.17
CA GLU A 94 -0.80 -21.01 16.83
C GLU A 94 0.38 -20.43 16.05
N GLU A 95 0.33 -20.49 14.71
CA GLU A 95 1.45 -19.98 13.92
C GLU A 95 1.45 -18.46 13.83
N PHE A 96 0.26 -17.85 13.94
CA PHE A 96 0.09 -16.42 13.71
C PHE A 96 0.36 -15.65 15.01
N VAL A 97 1.64 -15.62 15.38
CA VAL A 97 2.09 -14.95 16.60
C VAL A 97 2.12 -13.43 16.43
N GLU A 98 2.32 -12.71 17.53
CA GLU A 98 2.60 -11.27 17.46
C GLU A 98 3.69 -10.99 16.45
N GLY A 99 3.54 -9.89 15.72
CA GLY A 99 4.62 -9.46 14.85
C GLY A 99 4.12 -8.42 13.90
N ILE A 100 5.03 -7.95 13.05
CA ILE A 100 4.71 -7.06 11.95
C ILE A 100 4.62 -7.89 10.68
N TYR A 101 3.48 -7.81 10.01
CA TYR A 101 3.20 -8.60 8.82
C TYR A 101 3.00 -7.68 7.61
N LYS A 102 3.37 -8.19 6.44
CA LYS A 102 3.22 -7.47 5.17
C LYS A 102 2.47 -8.39 4.22
N VAL A 103 1.35 -7.91 3.68
CA VAL A 103 0.64 -8.60 2.62
C VAL A 103 0.93 -7.86 1.32
N GLU A 104 1.53 -8.58 0.36
CA GLU A 104 1.90 -8.03 -0.95
C GLU A 104 0.96 -8.64 -1.98
N ILE A 105 0.02 -7.86 -2.48
CA ILE A 105 -1.01 -8.35 -3.40
C ILE A 105 -0.59 -8.01 -4.82
N ASP A 106 -0.48 -9.02 -5.68
CA ASP A 106 0.06 -8.83 -7.03
C ASP A 106 -1.04 -8.29 -7.95
N THR A 107 -1.31 -7.00 -7.80
CA THR A 107 -2.36 -6.36 -8.59
C THR A 107 -1.92 -6.15 -10.03
N LYS A 108 -0.62 -5.95 -10.26
CA LYS A 108 -0.15 -5.70 -11.62
C LYS A 108 -0.49 -6.86 -12.56
N SER A 109 -0.21 -8.10 -12.13
CA SER A 109 -0.51 -9.25 -12.98
C SER A 109 -2.01 -9.40 -13.22
N TYR A 110 -2.81 -9.09 -12.20
CA TYR A 110 -4.27 -9.14 -12.36
C TYR A 110 -4.71 -8.23 -13.51
N TRP A 111 -4.26 -6.98 -13.51
CA TRP A 111 -4.71 -6.03 -14.53
C TRP A 111 -4.15 -6.39 -15.91
N LYS A 112 -2.89 -6.81 -15.96
CA LYS A 112 -2.28 -7.13 -17.25
C LYS A 112 -3.06 -8.22 -17.97
N ALA A 113 -3.54 -9.22 -17.23
CA ALA A 113 -4.29 -10.31 -17.83
C ALA A 113 -5.65 -9.86 -18.35
N LEU A 114 -6.16 -8.73 -17.87
CA LEU A 114 -7.37 -8.13 -18.40
C LEU A 114 -7.09 -7.13 -19.52
N GLY A 115 -5.84 -6.98 -19.94
CA GLY A 115 -5.47 -6.05 -20.99
C GLY A 115 -5.18 -4.64 -20.53
N ILE A 116 -5.03 -4.43 -19.22
CA ILE A 116 -4.87 -3.10 -18.65
C ILE A 116 -3.45 -2.98 -18.12
N SER A 117 -2.79 -1.88 -18.47
CA SER A 117 -1.49 -1.57 -17.90
CA SER A 117 -1.49 -1.56 -17.91
C SER A 117 -1.71 -0.66 -16.70
N PRO A 118 -1.59 -1.19 -15.48
CA PRO A 118 -1.94 -0.41 -14.29
C PRO A 118 -0.76 0.39 -13.76
N PHE A 119 -1.08 1.26 -12.81
CA PHE A 119 -0.07 2.15 -12.25
C PHE A 119 0.80 1.45 -11.22
N HIS A 120 0.19 0.69 -10.31
CA HIS A 120 0.95 0.16 -9.18
C HIS A 120 1.61 -1.17 -9.51
N GLU A 121 2.76 -1.41 -8.87
CA GLU A 121 3.40 -2.72 -8.98
C GLU A 121 2.63 -3.76 -8.18
N HIS A 122 2.22 -3.40 -6.97
CA HIS A 122 1.46 -4.26 -6.10
C HIS A 122 0.81 -3.37 -5.07
N ALA A 123 -0.14 -3.92 -4.33
CA ALA A 123 -0.68 -3.27 -3.15
C ALA A 123 -0.03 -3.90 -1.93
N GLU A 124 0.48 -3.06 -1.04
CA GLU A 124 1.22 -3.50 0.14
C GLU A 124 0.42 -3.10 1.36
N VAL A 125 0.20 -4.05 2.27
CA VAL A 125 -0.52 -3.79 3.51
C VAL A 125 0.40 -4.25 4.65
N VAL A 126 0.84 -3.32 5.49
CA VAL A 126 1.80 -3.61 6.56
C VAL A 126 1.18 -3.25 7.89
N PHE A 127 1.16 -4.19 8.84
CA PHE A 127 0.46 -3.98 10.10
C PHE A 127 1.05 -4.83 11.22
N THR A 128 0.93 -4.34 12.46
CA THR A 128 1.23 -5.15 13.63
C THR A 128 0.01 -6.00 13.98
N ALA A 129 0.22 -7.30 14.22
CA ALA A 129 -0.88 -8.21 14.52
C ALA A 129 -0.70 -8.81 15.90
N ASN A 130 -1.82 -9.01 16.60
CA ASN A 130 -1.90 -9.74 17.86
C ASN A 130 -1.14 -9.10 19.01
N ASP A 131 -0.91 -7.79 18.95
CA ASP A 131 -0.16 -7.11 20.00
C ASP A 131 -0.91 -7.12 21.34
N SER A 132 -2.23 -7.24 21.33
CA SER A 132 -3.03 -7.29 22.55
C SER A 132 -3.73 -8.64 22.69
N GLY A 133 -3.12 -9.71 22.19
CA GLY A 133 -3.76 -10.99 22.16
C GLY A 133 -4.30 -11.33 20.79
N PRO A 134 -4.76 -12.57 20.61
CA PRO A 134 -5.16 -13.02 19.28
C PRO A 134 -6.35 -12.23 18.78
N ARG A 135 -6.31 -11.88 17.50
CA ARG A 135 -7.45 -11.31 16.81
C ARG A 135 -7.61 -12.01 15.47
N ARG A 136 -8.79 -11.84 14.88
CA ARG A 136 -9.07 -12.31 13.53
C ARG A 136 -9.03 -11.10 12.61
N TYR A 137 -8.29 -11.21 11.51
CA TYR A 137 -8.05 -10.09 10.61
C TYR A 137 -8.59 -10.42 9.23
N THR A 138 -9.41 -9.51 8.68
CA THR A 138 -9.74 -9.52 7.26
C THR A 138 -9.09 -8.30 6.64
N ILE A 139 -8.20 -8.53 5.67
CA ILE A 139 -7.57 -7.47 4.89
C ILE A 139 -8.32 -7.42 3.58
N ALA A 140 -8.83 -6.25 3.21
CA ALA A 140 -9.58 -6.14 1.98
C ALA A 140 -8.97 -5.07 1.08
N ALA A 141 -9.06 -5.29 -0.23
CA ALA A 141 -8.53 -4.35 -1.21
C ALA A 141 -9.53 -4.22 -2.35
N LEU A 142 -9.84 -2.99 -2.72
CA LEU A 142 -10.72 -2.67 -3.85
C LEU A 142 -9.86 -2.03 -4.94
N LEU A 143 -9.82 -2.66 -6.11
CA LEU A 143 -8.81 -2.35 -7.13
C LEU A 143 -9.38 -1.61 -8.34
N SER A 144 -8.69 -0.57 -8.78
CA SER A 144 -8.87 0.08 -10.07
C SER A 144 -7.50 0.20 -10.71
N PRO A 145 -7.44 0.50 -12.01
CA PRO A 145 -6.11 0.49 -12.67
C PRO A 145 -5.14 1.49 -12.09
N TYR A 146 -5.59 2.66 -11.67
CA TYR A 146 -4.70 3.69 -11.13
C TYR A 146 -4.94 3.99 -9.66
N SER A 147 -5.68 3.13 -8.94
CA SER A 147 -6.08 3.46 -7.59
C SER A 147 -6.46 2.17 -6.89
N TYR A 148 -6.24 2.14 -5.58
CA TYR A 148 -6.84 1.10 -4.76
C TYR A 148 -7.15 1.64 -3.38
N SER A 149 -8.13 1.02 -2.74
CA SER A 149 -8.45 1.28 -1.35
C SER A 149 -8.22 0.00 -0.58
N THR A 150 -7.74 0.11 0.64
CA THR A 150 -7.57 -1.06 1.49
C THR A 150 -8.10 -0.75 2.88
N THR A 151 -8.72 -1.74 3.51
CA THR A 151 -9.21 -1.59 4.86
C THR A 151 -8.95 -2.88 5.61
N ALA A 152 -9.17 -2.84 6.91
CA ALA A 152 -9.06 -4.05 7.73
C ALA A 152 -10.29 -4.14 8.62
N VAL A 153 -10.78 -5.37 8.78
CA VAL A 153 -11.82 -5.68 9.75
C VAL A 153 -11.18 -6.60 10.78
N VAL A 154 -11.11 -6.13 12.02
CA VAL A 154 -10.42 -6.82 13.10
C VAL A 154 -11.46 -7.18 14.16
N THR A 155 -11.55 -8.46 14.50
CA THR A 155 -12.53 -8.92 15.46
C THR A 155 -11.83 -9.72 16.56
N ASN A 156 -12.43 -9.68 17.76
CA ASN A 156 -11.88 -10.41 18.90
C ASN A 156 -12.65 -11.72 19.08
N CYS B 42 8.10 20.11 -11.50
CA CYS B 42 7.88 19.16 -10.42
C CYS B 42 7.32 17.85 -10.98
N PRO B 43 8.19 16.89 -11.27
CA PRO B 43 7.73 15.63 -11.87
C PRO B 43 7.02 14.71 -10.90
N LEU B 44 7.19 14.90 -9.59
CA LEU B 44 6.62 14.01 -8.59
C LEU B 44 6.18 14.83 -7.39
N MET B 45 4.88 14.77 -7.07
CA MET B 45 4.30 15.45 -5.92
C MET B 45 3.45 14.43 -5.17
N VAL B 46 3.36 14.59 -3.85
CA VAL B 46 2.53 13.71 -3.02
C VAL B 46 1.55 14.58 -2.23
N LYS B 47 0.27 14.16 -2.20
CA LYS B 47 -0.77 14.88 -1.47
C LYS B 47 -1.45 13.91 -0.52
N VAL B 48 -1.65 14.32 0.73
CA VAL B 48 -2.21 13.46 1.76
C VAL B 48 -3.36 14.18 2.43
N LEU B 49 -4.50 13.50 2.54
CA LEU B 49 -5.71 14.03 3.14
C LEU B 49 -6.16 13.16 4.31
N ASP B 50 -6.91 13.76 5.22
CA ASP B 50 -7.37 13.14 6.45
C ASP B 50 -8.89 12.99 6.36
N ALA B 51 -9.36 11.73 6.34
CA ALA B 51 -10.79 11.44 6.18
C ALA B 51 -11.57 11.50 7.48
N VAL B 52 -10.90 11.60 8.62
CA VAL B 52 -11.55 11.77 9.91
C VAL B 52 -11.86 13.24 10.18
N ARG B 53 -10.89 14.11 9.91
CA ARG B 53 -11.05 15.53 10.16
C ARG B 53 -11.50 16.32 8.94
N GLY B 54 -11.44 15.73 7.74
CA GLY B 54 -11.86 16.44 6.56
C GLY B 54 -10.92 17.57 6.21
N SER B 55 -9.63 17.26 6.18
CA SER B 55 -8.61 18.31 6.12
C SER B 55 -7.39 17.76 5.41
N PRO B 56 -6.50 18.62 4.94
CA PRO B 56 -5.16 18.14 4.59
C PRO B 56 -4.53 17.45 5.79
N ALA B 57 -3.68 16.46 5.50
CA ALA B 57 -2.90 15.78 6.53
C ALA B 57 -1.54 16.46 6.60
N ILE B 58 -1.32 17.24 7.66
CA ILE B 58 -0.18 18.16 7.74
C ILE B 58 0.93 17.49 8.53
N ASN B 59 2.18 17.78 8.13
CA ASN B 59 3.36 17.28 8.84
C ASN B 59 3.46 15.77 8.80
N VAL B 60 2.99 15.15 7.73
CA VAL B 60 3.14 13.71 7.52
C VAL B 60 4.48 13.47 6.85
N ALA B 61 5.33 12.67 7.49
CA ALA B 61 6.62 12.32 6.93
C ALA B 61 6.49 11.19 5.94
N MET B 62 7.35 11.23 4.91
CA MET B 62 7.43 10.14 3.98
C MET B 62 8.83 10.04 3.41
N HIS B 63 9.19 8.83 3.00
CA HIS B 63 10.41 8.57 2.26
C HIS B 63 10.05 7.96 0.91
N VAL B 64 10.80 8.33 -0.11
CA VAL B 64 10.69 7.75 -1.44
C VAL B 64 11.95 6.94 -1.71
N PHE B 65 11.77 5.73 -2.22
CA PHE B 65 12.87 4.83 -2.52
C PHE B 65 12.81 4.45 -3.99
N ARG B 66 13.97 4.13 -4.55
CA ARG B 66 14.04 3.59 -5.90
C ARG B 66 14.61 2.18 -5.82
N LYS B 67 14.02 1.25 -6.55
CA LYS B 67 14.46 -0.14 -6.46
C LYS B 67 15.79 -0.29 -7.18
N ALA B 68 16.76 -0.89 -6.50
CA ALA B 68 18.10 -1.06 -7.03
C ALA B 68 18.22 -2.39 -7.77
N ALA B 69 19.37 -2.59 -8.41
CA ALA B 69 19.58 -3.79 -9.22
C ALA B 69 19.53 -5.07 -8.39
N ASP B 70 19.94 -4.99 -7.11
CA ASP B 70 19.89 -6.13 -6.22
C ASP B 70 18.53 -6.29 -5.53
N ASP B 71 17.49 -5.61 -6.01
CA ASP B 71 16.14 -5.65 -5.47
C ASP B 71 16.00 -5.03 -4.09
N THR B 72 17.00 -4.27 -3.64
CA THR B 72 16.86 -3.51 -2.41
C THR B 72 16.33 -2.11 -2.72
N TRP B 73 15.91 -1.41 -1.67
CA TRP B 73 15.29 -0.10 -1.81
C TRP B 73 16.30 0.96 -1.41
N GLU B 74 16.72 1.77 -2.37
CA GLU B 74 17.65 2.76 -1.87
C GLU B 74 16.95 4.10 -1.72
N PRO B 75 17.26 4.83 -0.65
CA PRO B 75 16.63 6.13 -0.44
C PRO B 75 16.88 7.04 -1.64
N PHE B 76 15.89 7.82 -1.96
CA PHE B 76 15.85 8.71 -3.11
C PHE B 76 15.49 10.14 -2.74
N ALA B 77 14.50 10.34 -1.86
CA ALA B 77 14.02 11.65 -1.44
C ALA B 77 13.11 11.45 -0.25
N SER B 78 12.87 12.53 0.49
CA SER B 78 11.94 12.48 1.62
C SER B 78 11.54 13.89 2.00
N GLY B 79 10.52 13.99 2.86
CA GLY B 79 10.04 15.26 3.34
C GLY B 79 8.79 15.08 4.19
N LYS B 80 8.20 16.20 4.60
CA LYS B 80 6.95 16.22 5.35
C LYS B 80 5.94 17.07 4.61
N THR B 81 4.67 16.68 4.68
CA THR B 81 3.65 17.47 4.00
C THR B 81 3.47 18.85 4.62
N SER B 82 3.11 19.79 3.78
CA SER B 82 2.90 21.19 4.15
C SER B 82 1.51 21.36 4.75
N GLU B 83 1.14 22.61 5.02
CA GLU B 83 -0.18 22.88 5.56
C GLU B 83 -1.29 22.59 4.57
N SER B 84 -0.97 22.45 3.28
CA SER B 84 -1.93 22.05 2.28
C SER B 84 -1.95 20.54 2.09
N GLY B 85 -1.19 19.80 2.90
CA GLY B 85 -1.08 18.36 2.76
C GLY B 85 -0.21 17.92 1.61
N GLU B 86 0.56 18.81 1.00
CA GLU B 86 1.33 18.49 -0.18
C GLU B 86 2.82 18.47 0.10
N LEU B 87 3.54 17.64 -0.63
CA LEU B 87 4.99 17.61 -0.58
C LEU B 87 5.53 17.76 -1.99
N HIS B 88 6.19 18.90 -2.24
CA HIS B 88 6.76 19.26 -3.54
C HIS B 88 8.28 19.18 -3.48
N GLY B 89 8.91 19.26 -4.65
CA GLY B 89 10.37 19.36 -4.69
C GLY B 89 11.13 18.10 -4.36
N LEU B 90 10.51 16.92 -4.50
CA LEU B 90 11.19 15.67 -4.17
C LEU B 90 12.31 15.35 -5.15
N THR B 91 12.10 15.62 -6.44
CA THR B 91 13.09 15.23 -7.44
C THR B 91 13.07 16.23 -8.59
N THR B 92 13.93 15.97 -9.57
CA THR B 92 14.01 16.77 -10.77
C THR B 92 13.74 15.87 -11.97
N GLU B 93 13.43 16.50 -13.10
CA GLU B 93 13.15 15.72 -14.30
C GLU B 93 14.33 14.85 -14.70
N GLU B 94 15.55 15.38 -14.59
CA GLU B 94 16.73 14.60 -14.98
C GLU B 94 16.97 13.42 -14.04
N GLU B 95 16.64 13.57 -12.75
CA GLU B 95 16.90 12.50 -11.79
C GLU B 95 15.82 11.43 -11.80
N PHE B 96 14.60 11.80 -12.19
CA PHE B 96 13.45 10.91 -12.07
C PHE B 96 13.35 10.05 -13.33
N VAL B 97 14.21 9.04 -13.39
CA VAL B 97 14.27 8.16 -14.56
C VAL B 97 13.30 6.99 -14.40
N GLU B 98 13.04 6.29 -15.50
CA GLU B 98 12.20 5.10 -15.44
C GLU B 98 12.75 4.12 -14.40
N GLY B 99 11.83 3.40 -13.77
CA GLY B 99 12.22 2.50 -12.70
C GLY B 99 11.04 2.28 -11.78
N ILE B 100 11.28 1.49 -10.73
CA ILE B 100 10.27 1.19 -9.74
C ILE B 100 10.56 2.01 -8.48
N TYR B 101 9.54 2.73 -8.01
CA TYR B 101 9.65 3.64 -6.89
C TYR B 101 8.66 3.24 -5.81
N LYS B 102 9.03 3.50 -4.57
CA LYS B 102 8.16 3.23 -3.43
C LYS B 102 8.07 4.49 -2.58
N VAL B 103 6.84 4.92 -2.29
CA VAL B 103 6.60 6.00 -1.35
C VAL B 103 6.08 5.37 -0.07
N GLU B 104 6.83 5.54 1.02
CA GLU B 104 6.44 5.00 2.32
C GLU B 104 6.01 6.17 3.19
N ILE B 105 4.72 6.24 3.48
CA ILE B 105 4.13 7.35 4.21
C ILE B 105 3.96 6.94 5.65
N ASP B 106 4.49 7.74 6.59
CA ASP B 106 4.44 7.40 8.01
C ASP B 106 3.08 7.79 8.58
N THR B 107 2.08 6.99 8.23
CA THR B 107 0.73 7.24 8.72
C THR B 107 0.59 6.90 10.19
N LYS B 108 1.37 5.94 10.69
CA LYS B 108 1.26 5.56 12.10
C LYS B 108 1.56 6.73 13.02
N SER B 109 2.65 7.46 12.74
CA SER B 109 3.01 8.60 13.60
C SER B 109 1.94 9.70 13.52
N TYR B 110 1.35 9.89 12.34
CA TYR B 110 0.29 10.87 12.17
C TYR B 110 -0.89 10.59 13.09
N TRP B 111 -1.39 9.35 13.07
CA TRP B 111 -2.53 8.99 13.92
C TRP B 111 -2.16 9.02 15.39
N LYS B 112 -0.93 8.58 15.73
CA LYS B 112 -0.51 8.63 17.13
C LYS B 112 -0.49 10.06 17.66
N ALA B 113 -0.06 11.01 16.85
CA ALA B 113 -0.06 12.41 17.28
C ALA B 113 -1.46 12.93 17.57
N LEU B 114 -2.47 12.38 16.88
CA LEU B 114 -3.85 12.74 17.10
C LEU B 114 -4.51 11.91 18.19
N GLY B 115 -3.79 10.97 18.79
CA GLY B 115 -4.35 10.14 19.83
C GLY B 115 -5.32 9.08 19.35
N ILE B 116 -5.16 8.61 18.10
CA ILE B 116 -6.09 7.66 17.50
C ILE B 116 -5.30 6.41 17.12
N SER B 117 -5.78 5.26 17.55
CA SER B 117 -5.06 4.00 17.33
C SER B 117 -5.18 3.56 15.88
N PRO B 118 -4.07 3.45 15.13
CA PRO B 118 -4.15 3.06 13.71
C PRO B 118 -3.87 1.60 13.45
N PHE B 119 -4.27 1.14 12.27
CA PHE B 119 -4.03 -0.24 11.89
C PHE B 119 -2.66 -0.44 11.22
N HIS B 120 -2.32 0.43 10.28
CA HIS B 120 -1.16 0.22 9.43
C HIS B 120 0.11 0.76 10.03
N GLU B 121 1.22 0.06 9.77
CA GLU B 121 2.53 0.59 10.14
C GLU B 121 2.89 1.80 9.29
N HIS B 122 2.51 1.78 8.01
CA HIS B 122 2.72 2.88 7.09
C HIS B 122 1.81 2.62 5.90
N ALA B 123 1.69 3.60 5.04
CA ALA B 123 1.03 3.41 3.76
C ALA B 123 2.11 3.33 2.69
N GLU B 124 2.04 2.31 1.84
CA GLU B 124 3.07 2.05 0.84
C GLU B 124 2.48 2.22 -0.54
N VAL B 125 3.12 3.00 -1.39
CA VAL B 125 2.69 3.15 -2.77
C VAL B 125 3.87 2.78 -3.64
N VAL B 126 3.75 1.69 -4.40
CA VAL B 126 4.84 1.15 -5.22
C VAL B 126 4.39 1.17 -6.68
N PHE B 127 5.16 1.83 -7.53
CA PHE B 127 4.74 2.04 -8.92
C PHE B 127 5.95 2.06 -9.83
N THR B 128 5.71 1.84 -11.13
CA THR B 128 6.73 2.00 -12.15
C THR B 128 6.55 3.36 -12.83
N ALA B 129 7.62 4.12 -12.94
CA ALA B 129 7.62 5.33 -13.75
C ALA B 129 7.97 4.93 -15.17
N ASN B 130 7.17 5.40 -16.13
CA ASN B 130 7.33 5.03 -17.53
C ASN B 130 7.35 6.27 -18.40
N ASP B 131 8.28 6.31 -19.35
CA ASP B 131 8.43 7.45 -20.24
C ASP B 131 7.52 7.26 -21.45
N SER B 132 6.46 8.06 -21.51
CA SER B 132 5.60 8.13 -22.68
C SER B 132 5.08 9.57 -22.71
N GLY B 133 5.80 10.43 -23.43
CA GLY B 133 5.50 11.84 -23.46
C GLY B 133 5.84 12.52 -22.14
N PRO B 134 5.75 13.85 -22.10
CA PRO B 134 6.00 14.58 -20.85
C PRO B 134 4.91 14.23 -19.83
N ARG B 135 5.34 13.76 -18.66
CA ARG B 135 4.42 13.30 -17.63
C ARG B 135 4.80 13.88 -16.27
N ARG B 136 3.78 14.30 -15.52
CA ARG B 136 3.92 14.71 -14.13
C ARG B 136 3.05 13.78 -13.30
N TYR B 137 3.56 13.36 -12.15
CA TYR B 137 2.93 12.34 -11.30
C TYR B 137 2.53 12.97 -9.98
N THR B 138 1.25 12.88 -9.64
CA THR B 138 0.78 13.17 -8.29
C THR B 138 0.32 11.86 -7.67
N ILE B 139 0.95 11.50 -6.56
CA ILE B 139 0.54 10.36 -5.75
C ILE B 139 -0.30 10.93 -4.63
N ALA B 140 -1.53 10.46 -4.49
CA ALA B 140 -2.39 10.99 -3.44
C ALA B 140 -2.84 9.87 -2.52
N ALA B 141 -3.01 10.18 -1.24
CA ALA B 141 -3.41 9.21 -0.23
C ALA B 141 -4.47 9.83 0.67
N LEU B 142 -5.57 9.12 0.89
CA LEU B 142 -6.64 9.54 1.77
C LEU B 142 -6.65 8.60 2.96
N LEU B 143 -6.45 9.15 4.15
CA LEU B 143 -6.14 8.35 5.33
C LEU B 143 -7.31 8.27 6.30
N SER B 144 -7.60 7.05 6.77
CA SER B 144 -8.43 6.78 7.93
C SER B 144 -7.66 5.86 8.86
N PRO B 145 -8.07 5.74 10.12
CA PRO B 145 -7.27 4.93 11.05
C PRO B 145 -7.10 3.48 10.62
N TYR B 146 -8.13 2.87 10.05
CA TYR B 146 -8.08 1.47 9.66
C TYR B 146 -8.17 1.26 8.15
N SER B 147 -7.94 2.31 7.36
CA SER B 147 -8.11 2.21 5.91
CA SER B 147 -8.06 2.19 5.92
C SER B 147 -7.36 3.35 5.25
N TYR B 148 -6.89 3.11 4.03
CA TYR B 148 -6.43 4.22 3.20
C TYR B 148 -6.74 3.94 1.74
N SER B 149 -6.90 5.01 0.98
CA SER B 149 -7.10 4.95 -0.46
C SER B 149 -5.94 5.69 -1.11
N THR B 150 -5.47 5.19 -2.24
CA THR B 150 -4.40 5.89 -2.94
C THR B 150 -4.70 5.90 -4.42
N THR B 151 -4.39 7.01 -5.07
CA THR B 151 -4.58 7.10 -6.51
C THR B 151 -3.39 7.84 -7.10
N ALA B 152 -3.30 7.81 -8.42
CA ALA B 152 -2.28 8.56 -9.15
C ALA B 152 -2.99 9.45 -10.16
N VAL B 153 -2.56 10.70 -10.23
CA VAL B 153 -3.01 11.63 -11.26
C VAL B 153 -1.80 11.93 -12.13
N VAL B 154 -1.78 11.37 -13.34
CA VAL B 154 -0.64 11.44 -14.23
C VAL B 154 -1.04 12.32 -15.42
N THR B 155 -0.37 13.46 -15.57
CA THR B 155 -0.80 14.47 -16.54
C THR B 155 0.37 14.91 -17.42
N ASN B 156 0.02 15.62 -18.48
CA ASN B 156 0.99 16.12 -19.45
C ASN B 156 1.14 17.64 -19.29
#